data_1QQR
#
_entry.id   1QQR
#
_cell.length_a   50.870
_cell.length_b   93.780
_cell.length_c   156.050
_cell.angle_alpha   90.00
_cell.angle_beta   90.00
_cell.angle_gamma   90.00
#
_symmetry.space_group_name_H-M   'P 21 21 21'
#
loop_
_entity.id
_entity.type
_entity.pdbx_description
1 polymer 'STREPTOKINASE DOMAIN B'
2 water water
#
_entity_poly.entity_id   1
_entity_poly.type   'polypeptide(L)'
_entity_poly.pdbx_seq_one_letter_code
;IQNQAKSVDVEYTVQFTPLNPDDDFRPGLKLTKLLKTLAIGDTITSQELLAQAQSILNKNHPGYTIYERDSSIVTHDNDI
FRTILPMDQEFTYRVKNREQAYRINKKSGLNEEINNTDLISEKYYVLKKGEKPYDPFD
;
_entity_poly.pdbx_strand_id   A,B,C,D
#
# COMPACT_ATOMS: atom_id res chain seq x y z
N ILE A 1 -9.89 3.76 9.25
CA ILE A 1 -9.18 3.61 10.55
C ILE A 1 -10.16 3.82 11.72
N GLN A 2 -10.75 2.71 12.18
CA GLN A 2 -11.74 2.72 13.25
C GLN A 2 -11.26 2.89 14.69
N ASN A 3 -10.38 2.00 15.12
CA ASN A 3 -9.85 2.02 16.47
C ASN A 3 -8.34 2.22 16.42
N GLN A 4 -7.94 3.48 16.35
CA GLN A 4 -6.53 3.83 16.27
C GLN A 4 -5.73 3.24 17.42
N ALA A 5 -4.61 2.59 17.09
CA ALA A 5 -3.75 2.02 18.12
C ALA A 5 -3.51 3.10 19.18
N LYS A 6 -3.45 2.70 20.43
CA LYS A 6 -3.26 3.65 21.51
C LYS A 6 -1.78 3.83 21.85
N SER A 7 -0.94 2.94 21.32
CA SER A 7 0.47 2.98 21.62
C SER A 7 1.22 2.10 20.63
N VAL A 8 2.49 2.37 20.44
CA VAL A 8 3.29 1.53 19.57
C VAL A 8 4.63 1.28 20.24
N ASP A 9 4.90 0.04 20.61
CA ASP A 9 6.20 -0.28 21.23
C ASP A 9 7.17 -0.33 20.06
N VAL A 10 8.19 0.51 20.10
CA VAL A 10 9.16 0.51 19.02
C VAL A 10 10.36 -0.36 19.39
N GLU A 11 10.46 -1.50 18.72
CA GLU A 11 11.58 -2.39 18.96
C GLU A 11 12.66 -2.18 17.90
N TYR A 12 13.89 -2.48 18.28
CA TYR A 12 15.01 -2.25 17.39
C TYR A 12 15.93 -3.44 17.26
N THR A 13 16.34 -3.72 16.04
CA THR A 13 17.31 -4.78 15.81
C THR A 13 18.31 -4.27 14.76
N VAL A 14 19.58 -4.57 14.98
CA VAL A 14 20.64 -4.14 14.10
C VAL A 14 21.64 -5.26 13.82
N GLN A 15 22.07 -5.33 12.56
CA GLN A 15 23.05 -6.29 12.10
C GLN A 15 24.31 -5.49 11.71
N PHE A 16 25.49 -5.98 12.06
CA PHE A 16 26.73 -5.27 11.74
C PHE A 16 27.61 -6.06 10.80
N THR A 17 28.06 -5.44 9.71
CA THR A 17 28.93 -6.12 8.76
C THR A 17 30.28 -5.41 8.64
N PRO A 18 31.37 -6.07 9.08
CA PRO A 18 32.73 -5.53 9.04
C PRO A 18 33.26 -5.46 7.62
N LEU A 19 33.94 -4.36 7.26
CA LEU A 19 34.47 -4.20 5.91
C LEU A 19 35.40 -5.35 5.52
N ASN A 20 36.25 -5.81 6.43
CA ASN A 20 37.07 -6.99 6.14
C ASN A 20 36.80 -7.99 7.27
N PRO A 21 36.73 -9.30 6.94
CA PRO A 21 36.46 -10.43 7.85
C PRO A 21 36.87 -10.37 9.31
N ASP A 22 36.06 -11.00 10.15
CA ASP A 22 36.28 -11.11 11.59
C ASP A 22 35.27 -12.11 12.15
N ASP A 23 35.76 -13.15 12.81
CA ASP A 23 34.92 -14.19 13.37
C ASP A 23 33.90 -13.72 14.41
N ASP A 24 34.33 -12.86 15.33
CA ASP A 24 33.44 -12.37 16.38
C ASP A 24 32.05 -12.04 15.85
N PHE A 25 31.97 -11.69 14.57
CA PHE A 25 30.70 -11.38 13.94
C PHE A 25 30.06 -12.65 13.40
N ARG A 26 29.55 -13.46 14.32
CA ARG A 26 28.90 -14.73 14.02
C ARG A 26 27.51 -14.44 13.40
N PRO A 27 27.28 -14.88 12.16
CA PRO A 27 25.94 -14.60 11.60
C PRO A 27 24.82 -15.36 12.34
N GLY A 28 23.62 -14.81 12.33
CA GLY A 28 22.53 -15.49 12.99
C GLY A 28 22.07 -14.78 14.24
N LEU A 29 22.72 -13.67 14.60
CA LEU A 29 22.30 -12.95 15.80
C LEU A 29 20.81 -12.59 15.64
N LYS A 30 20.04 -12.87 16.68
CA LYS A 30 18.60 -12.64 16.67
C LYS A 30 18.12 -12.13 18.02
N LEU A 31 18.11 -10.81 18.15
CA LEU A 31 17.68 -10.14 19.36
C LEU A 31 17.05 -8.80 18.97
N THR A 32 16.20 -8.28 19.84
CA THR A 32 15.61 -6.99 19.60
C THR A 32 15.70 -6.29 20.94
N LYS A 33 15.68 -4.99 20.90
CA LYS A 33 15.76 -4.18 22.10
C LYS A 33 14.58 -3.22 21.99
N LEU A 34 13.86 -3.02 23.09
CA LEU A 34 12.75 -2.08 23.04
C LEU A 34 13.39 -0.72 23.15
N LEU A 35 13.12 0.13 22.18
CA LEU A 35 13.67 1.47 22.21
C LEU A 35 12.78 2.30 23.14
N LYS A 36 11.50 2.33 22.81
CA LYS A 36 10.53 3.09 23.60
C LYS A 36 9.10 2.85 23.11
N THR A 37 8.16 3.32 23.91
CA THR A 37 6.76 3.22 23.58
C THR A 37 6.36 4.61 23.17
N LEU A 38 5.88 4.76 21.95
CA LEU A 38 5.52 6.06 21.44
C LEU A 38 4.07 6.07 21.00
N ALA A 39 3.62 7.22 20.51
CA ALA A 39 2.25 7.36 20.04
C ALA A 39 2.29 7.57 18.54
N ILE A 40 1.18 7.27 17.89
CA ILE A 40 1.04 7.47 16.46
C ILE A 40 1.45 8.92 16.19
N GLY A 41 2.28 9.14 15.17
CA GLY A 41 2.72 10.49 14.87
C GLY A 41 4.04 10.91 15.50
N ASP A 42 4.45 10.25 16.58
CA ASP A 42 5.73 10.59 17.18
C ASP A 42 6.81 10.28 16.13
N THR A 43 7.98 10.89 16.27
CA THR A 43 9.03 10.66 15.30
C THR A 43 10.30 10.14 15.93
N ILE A 44 11.10 9.50 15.10
CA ILE A 44 12.40 8.93 15.46
C ILE A 44 13.25 9.35 14.29
N THR A 45 14.44 9.90 14.55
CA THR A 45 15.31 10.36 13.47
C THR A 45 16.48 9.42 13.27
N SER A 46 17.11 9.50 12.11
CA SER A 46 18.27 8.68 11.80
C SER A 46 19.42 8.94 12.77
N GLN A 47 19.57 10.17 13.25
CA GLN A 47 20.66 10.43 14.21
C GLN A 47 20.45 9.66 15.51
N GLU A 48 19.21 9.59 15.96
CA GLU A 48 18.89 8.85 17.18
C GLU A 48 19.17 7.36 16.98
N LEU A 49 18.86 6.84 15.80
CA LEU A 49 19.08 5.42 15.53
C LEU A 49 20.58 5.14 15.48
N LEU A 50 21.33 6.05 14.86
CA LEU A 50 22.79 5.91 14.81
C LEU A 50 23.34 5.85 16.22
N ALA A 51 22.84 6.72 17.11
CA ALA A 51 23.35 6.73 18.47
C ALA A 51 23.09 5.39 19.11
N GLN A 52 21.90 4.84 18.85
CA GLN A 52 21.54 3.53 19.39
C GLN A 52 22.46 2.44 18.86
N ALA A 53 22.67 2.44 17.55
CA ALA A 53 23.51 1.41 16.95
C ALA A 53 24.96 1.52 17.46
N GLN A 54 25.50 2.73 17.51
CA GLN A 54 26.87 2.92 17.96
C GLN A 54 27.00 2.41 19.39
N SER A 55 26.03 2.68 20.25
CA SER A 55 26.15 2.21 21.62
C SER A 55 26.06 0.69 21.69
N ILE A 56 25.18 0.09 20.88
CA ILE A 56 25.09 -1.37 20.89
C ILE A 56 26.40 -1.95 20.35
N LEU A 57 26.95 -1.32 19.31
CA LEU A 57 28.21 -1.73 18.72
C LEU A 57 29.34 -1.67 19.76
N ASN A 58 29.34 -0.63 20.57
CA ASN A 58 30.37 -0.50 21.61
C ASN A 58 30.32 -1.67 22.57
N LYS A 59 29.13 -2.01 23.07
CA LYS A 59 29.02 -3.12 24.01
C LYS A 59 29.41 -4.46 23.42
N ASN A 60 28.82 -4.83 22.29
CA ASN A 60 29.13 -6.13 21.69
C ASN A 60 30.44 -6.22 20.91
N HIS A 61 30.89 -5.11 20.35
CA HIS A 61 32.12 -5.17 19.57
C HIS A 61 33.05 -3.99 19.80
N PRO A 62 33.68 -3.96 20.99
CA PRO A 62 34.61 -2.89 21.36
C PRO A 62 35.75 -2.84 20.32
N GLY A 63 36.15 -1.64 19.93
CA GLY A 63 37.19 -1.54 18.93
C GLY A 63 36.67 -1.25 17.53
N TYR A 64 35.36 -1.43 17.31
CA TYR A 64 34.77 -1.16 16.00
C TYR A 64 33.95 0.11 16.05
N THR A 65 33.68 0.70 14.89
CA THR A 65 32.87 1.92 14.79
C THR A 65 31.99 1.82 13.56
N ILE A 66 30.89 2.57 13.55
CA ILE A 66 29.98 2.60 12.43
C ILE A 66 30.75 3.22 11.29
N TYR A 67 30.65 2.63 10.11
CA TYR A 67 31.32 3.18 8.96
C TYR A 67 30.18 3.81 8.19
N GLU A 68 29.19 3.01 7.82
CA GLU A 68 28.06 3.57 7.13
C GLU A 68 26.82 2.69 7.19
N ARG A 69 25.67 3.35 7.10
CA ARG A 69 24.38 2.69 7.14
C ARG A 69 24.08 2.04 5.79
N ASP A 70 23.56 0.82 5.81
CA ASP A 70 23.23 0.16 4.57
C ASP A 70 21.72 0.14 4.30
N SER A 71 20.93 -0.10 5.33
CA SER A 71 19.47 -0.10 5.16
C SER A 71 18.73 0.03 6.49
N SER A 72 17.52 0.57 6.41
CA SER A 72 16.69 0.75 7.57
C SER A 72 15.29 0.45 7.13
N ILE A 73 14.69 -0.51 7.83
CA ILE A 73 13.36 -0.97 7.51
C ILE A 73 12.44 -1.03 8.73
N VAL A 74 11.17 -0.73 8.52
CA VAL A 74 10.25 -0.82 9.62
C VAL A 74 9.19 -1.82 9.27
N THR A 75 8.92 -2.76 10.18
CA THR A 75 7.87 -3.75 9.98
C THR A 75 6.86 -3.36 11.05
N HIS A 76 5.60 -3.21 10.67
CA HIS A 76 4.55 -2.80 11.61
C HIS A 76 3.69 -3.96 12.01
N ASP A 77 3.75 -4.34 13.28
CA ASP A 77 2.95 -5.47 13.74
C ASP A 77 3.19 -6.66 12.82
N ASN A 78 2.15 -7.40 12.46
CA ASN A 78 2.30 -8.56 11.57
C ASN A 78 1.90 -8.21 10.15
N ASP A 79 1.77 -6.91 9.91
CA ASP A 79 1.40 -6.40 8.61
C ASP A 79 2.47 -6.76 7.57
N ILE A 80 2.02 -7.12 6.38
CA ILE A 80 2.93 -7.50 5.30
C ILE A 80 3.67 -6.33 4.61
N PHE A 81 3.06 -5.15 4.57
CA PHE A 81 3.68 -3.97 3.91
C PHE A 81 4.61 -3.26 4.90
N ARG A 82 5.88 -3.16 4.54
CA ARG A 82 6.90 -2.55 5.42
C ARG A 82 7.27 -1.20 4.88
N THR A 83 7.79 -0.31 5.72
CA THR A 83 8.24 0.97 5.16
C THR A 83 9.75 0.94 5.11
N ILE A 84 10.24 1.28 3.92
CA ILE A 84 11.65 1.32 3.59
C ILE A 84 12.14 2.75 3.76
N LEU A 85 12.98 2.98 4.75
CA LEU A 85 13.51 4.30 5.01
C LEU A 85 14.61 4.60 3.99
N PRO A 86 14.82 5.89 3.66
CA PRO A 86 15.83 6.34 2.70
C PRO A 86 17.23 5.85 3.06
N MET A 87 17.94 5.28 2.09
CA MET A 87 19.28 4.73 2.34
C MET A 87 20.50 5.66 2.44
N ASP A 88 20.52 6.75 1.68
CA ASP A 88 21.69 7.62 1.76
C ASP A 88 21.46 9.07 2.10
N GLN A 89 20.65 9.31 3.14
CA GLN A 89 20.37 10.67 3.60
C GLN A 89 19.76 10.54 4.98
N GLU A 90 19.86 11.59 5.79
CA GLU A 90 19.25 11.56 7.12
C GLU A 90 17.75 11.45 6.92
N PHE A 91 17.05 10.89 7.91
CA PHE A 91 15.61 10.73 7.78
C PHE A 91 14.89 10.80 9.11
N THR A 92 13.58 10.92 9.05
CA THR A 92 12.75 10.91 10.23
C THR A 92 11.68 9.87 9.97
N TYR A 93 11.37 9.06 10.97
CA TYR A 93 10.32 8.08 10.82
C TYR A 93 9.21 8.50 11.75
N ARG A 94 8.01 8.60 11.20
CA ARG A 94 6.83 8.99 11.98
C ARG A 94 6.09 7.70 12.28
N VAL A 95 5.77 7.45 13.53
CA VAL A 95 5.06 6.23 13.87
C VAL A 95 3.73 6.19 13.14
N LYS A 96 3.69 5.32 12.14
CA LYS A 96 2.55 5.10 11.26
C LYS A 96 1.21 4.84 11.99
N ASN A 97 0.14 5.44 11.49
CA ASN A 97 -1.20 5.30 12.06
C ASN A 97 -1.68 3.89 11.80
N ARG A 98 -2.41 3.32 12.75
CA ARG A 98 -2.91 1.98 12.57
C ARG A 98 -4.05 1.61 13.48
N GLU A 99 -4.70 0.52 13.08
CA GLU A 99 -5.80 -0.07 13.79
C GLU A 99 -5.21 -0.71 15.05
N GLN A 100 -5.92 -0.62 16.17
CA GLN A 100 -5.45 -1.19 17.44
C GLN A 100 -5.37 -2.71 17.33
N ALA A 101 -4.24 -3.28 17.73
CA ALA A 101 -4.05 -4.73 17.65
C ALA A 101 -4.85 -5.53 18.68
N TYR A 102 -5.26 -6.74 18.28
CA TYR A 102 -5.96 -7.62 19.22
C TYR A 102 -5.86 -9.06 18.75
N ARG A 103 -6.12 -9.98 19.67
CA ARG A 103 -6.15 -11.40 19.34
C ARG A 103 -7.50 -11.92 19.82
N ILE A 104 -7.83 -13.13 19.40
CA ILE A 104 -9.09 -13.73 19.80
C ILE A 104 -8.89 -14.66 20.99
N ASN A 105 -9.66 -14.46 22.05
CA ASN A 105 -9.55 -15.28 23.25
C ASN A 105 -9.96 -16.68 22.84
N LYS A 106 -9.07 -17.64 23.05
CA LYS A 106 -9.33 -19.02 22.68
C LYS A 106 -10.62 -19.55 23.34
N LYS A 107 -10.70 -19.42 24.66
CA LYS A 107 -11.88 -19.88 25.38
C LYS A 107 -13.19 -19.22 24.95
N SER A 108 -13.30 -17.91 25.16
CA SER A 108 -14.52 -17.18 24.85
C SER A 108 -14.75 -16.77 23.41
N GLY A 109 -13.68 -16.71 22.61
CA GLY A 109 -13.87 -16.32 21.25
C GLY A 109 -14.11 -14.81 21.16
N LEU A 110 -13.85 -14.09 22.24
CA LEU A 110 -14.04 -12.64 22.22
C LEU A 110 -12.68 -11.97 21.97
N ASN A 111 -12.70 -10.70 21.57
CA ASN A 111 -11.48 -9.98 21.29
C ASN A 111 -10.77 -9.36 22.48
N GLU A 112 -9.45 -9.55 22.56
CA GLU A 112 -8.65 -8.93 23.62
C GLU A 112 -7.50 -8.13 23.00
N GLU A 113 -7.49 -6.83 23.29
CA GLU A 113 -6.49 -5.93 22.75
C GLU A 113 -5.10 -6.19 23.29
N ILE A 114 -4.12 -5.99 22.44
CA ILE A 114 -2.74 -6.17 22.84
C ILE A 114 -1.94 -5.04 22.23
N ASN A 115 -0.71 -4.90 22.68
CA ASN A 115 0.14 -3.81 22.21
C ASN A 115 0.57 -3.92 20.77
N ASN A 116 0.54 -2.78 20.09
CA ASN A 116 0.97 -2.71 18.70
C ASN A 116 2.48 -2.53 18.78
N THR A 117 3.18 -2.97 17.76
CA THR A 117 4.64 -2.85 17.78
C THR A 117 5.16 -2.48 16.42
N ASP A 118 6.30 -1.78 16.42
CA ASP A 118 7.03 -1.42 15.21
C ASP A 118 8.38 -2.10 15.42
N LEU A 119 8.87 -2.79 14.40
CA LEU A 119 10.17 -3.40 14.52
C LEU A 119 11.04 -2.66 13.54
N ILE A 120 11.98 -1.88 14.05
CA ILE A 120 12.90 -1.17 13.19
C ILE A 120 14.16 -2.03 13.04
N SER A 121 14.51 -2.39 11.82
CA SER A 121 15.69 -3.19 11.63
C SER A 121 16.68 -2.52 10.69
N GLU A 122 17.91 -2.42 11.18
CA GLU A 122 18.96 -1.78 10.44
C GLU A 122 20.18 -2.66 10.26
N LYS A 123 20.97 -2.26 9.27
CA LYS A 123 22.23 -2.91 8.96
C LYS A 123 23.29 -1.82 8.73
N TYR A 124 24.44 -1.92 9.38
CA TYR A 124 25.50 -0.94 9.14
C TYR A 124 26.79 -1.66 8.79
N TYR A 125 27.61 -1.01 7.98
CA TYR A 125 28.92 -1.56 7.66
C TYR A 125 29.79 -1.00 8.77
N VAL A 126 30.61 -1.82 9.40
CA VAL A 126 31.50 -1.32 10.47
C VAL A 126 32.98 -1.49 10.15
N LEU A 127 33.82 -0.75 10.85
CA LEU A 127 35.25 -0.78 10.59
C LEU A 127 36.04 -0.85 11.88
N LYS A 128 37.10 -1.65 11.91
CA LYS A 128 37.89 -1.70 13.14
C LYS A 128 38.53 -0.32 13.16
N LYS A 129 38.51 0.35 14.31
CA LYS A 129 39.07 1.68 14.40
C LYS A 129 40.56 1.61 14.14
N GLY A 130 41.08 2.65 13.49
CA GLY A 130 42.49 2.64 13.15
C GLY A 130 42.63 2.15 11.72
N GLU A 131 41.76 1.21 11.33
CA GLU A 131 41.77 0.66 9.98
C GLU A 131 41.04 1.57 9.00
N LYS A 132 41.27 1.34 7.71
CA LYS A 132 40.67 2.14 6.66
C LYS A 132 40.06 1.24 5.60
N PRO A 133 39.01 1.72 4.93
CA PRO A 133 38.35 0.93 3.88
C PRO A 133 39.23 0.74 2.63
N TYR A 134 38.57 0.49 1.50
CA TYR A 134 39.23 0.28 0.21
C TYR A 134 39.90 -1.07 0.09
N ASP A 135 40.45 -1.30 -1.10
CA ASP A 135 41.13 -2.53 -1.44
C ASP A 135 42.64 -2.23 -1.51
N PRO A 136 43.31 -2.48 -2.65
CA PRO A 136 44.75 -2.16 -2.63
C PRO A 136 44.99 -0.78 -3.24
N PHE A 137 44.11 0.17 -2.90
CA PHE A 137 44.10 1.56 -3.39
C PHE A 137 43.01 1.63 -4.45
N ASP A 138 41.82 2.08 -4.05
CA ASP A 138 40.71 2.15 -4.97
C ASP A 138 40.22 0.71 -5.08
N ILE B 1 -9.74 -26.58 -24.86
CA ILE B 1 -11.02 -27.39 -24.75
C ILE B 1 -11.77 -26.21 -24.52
N GLN B 2 -10.72 -25.41 -24.84
CA GLN B 2 -10.29 -24.02 -24.93
C GLN B 2 -9.81 -23.39 -26.26
N ASN B 3 -9.99 -22.09 -26.33
CA ASN B 3 -9.60 -21.23 -27.46
C ASN B 3 -9.68 -19.86 -26.80
N GLN B 4 -8.58 -19.45 -26.16
CA GLN B 4 -8.51 -18.20 -25.42
C GLN B 4 -9.01 -16.99 -26.19
N ALA B 5 -9.76 -16.16 -25.49
CA ALA B 5 -10.24 -14.96 -26.12
C ALA B 5 -9.00 -14.21 -26.59
N LYS B 6 -9.08 -13.64 -27.78
CA LYS B 6 -7.96 -12.88 -28.36
C LYS B 6 -7.76 -11.55 -27.63
N SER B 7 -8.86 -10.95 -27.20
CA SER B 7 -8.81 -9.70 -26.45
C SER B 7 -10.19 -9.45 -25.82
N VAL B 8 -10.26 -8.48 -24.92
CA VAL B 8 -11.52 -8.17 -24.26
C VAL B 8 -11.80 -6.68 -24.27
N ASP B 9 -12.97 -6.30 -24.77
CA ASP B 9 -13.36 -4.90 -24.77
C ASP B 9 -13.85 -4.61 -23.38
N VAL B 10 -13.18 -3.69 -22.69
CA VAL B 10 -13.56 -3.34 -21.34
C VAL B 10 -14.47 -2.12 -21.34
N GLU B 11 -15.76 -2.36 -21.10
CA GLU B 11 -16.74 -1.30 -21.06
C GLU B 11 -16.95 -0.87 -19.61
N TYR B 12 -17.35 0.37 -19.42
CA TYR B 12 -17.54 0.93 -18.09
C TYR B 12 -18.86 1.65 -17.93
N THR B 13 -19.51 1.44 -16.80
CA THR B 13 -20.74 2.15 -16.51
C THR B 13 -20.72 2.50 -15.04
N VAL B 14 -21.18 3.70 -14.72
CA VAL B 14 -21.12 4.13 -13.34
C VAL B 14 -22.40 4.84 -12.95
N GLN B 15 -22.84 4.60 -11.72
CA GLN B 15 -24.04 5.25 -11.21
C GLN B 15 -23.65 6.16 -10.03
N PHE B 16 -24.15 7.39 -10.05
CA PHE B 16 -23.86 8.37 -8.99
C PHE B 16 -25.11 8.67 -8.16
N THR B 17 -25.02 8.58 -6.83
CA THR B 17 -26.15 8.86 -5.94
C THR B 17 -25.76 10.04 -5.04
N PRO B 18 -26.41 11.21 -5.22
CA PRO B 18 -26.04 12.35 -4.36
C PRO B 18 -26.41 12.15 -2.92
N LEU B 19 -25.59 12.70 -2.03
CA LEU B 19 -25.80 12.59 -0.60
C LEU B 19 -26.91 13.59 -0.18
N ASN B 20 -27.17 14.58 -1.03
CA ASN B 20 -28.23 15.52 -0.78
C ASN B 20 -29.14 15.44 -1.98
N PRO B 21 -30.45 15.65 -1.78
CA PRO B 21 -31.41 15.58 -2.89
C PRO B 21 -31.06 16.54 -4.01
N ASP B 22 -31.27 16.09 -5.24
CA ASP B 22 -30.96 16.88 -6.42
C ASP B 22 -31.58 16.23 -7.65
N ASP B 23 -32.54 16.92 -8.24
CA ASP B 23 -33.26 16.45 -9.44
C ASP B 23 -32.42 16.21 -10.70
N ASP B 24 -31.21 16.75 -10.75
CA ASP B 24 -30.37 16.56 -11.91
C ASP B 24 -29.94 15.10 -12.01
N PHE B 25 -30.05 14.38 -10.91
CA PHE B 25 -29.67 12.97 -10.91
C PHE B 25 -30.84 12.05 -11.19
N ARG B 26 -31.42 12.20 -12.38
CA ARG B 26 -32.55 11.40 -12.81
C ARG B 26 -32.14 9.92 -12.88
N PRO B 27 -32.82 9.06 -12.10
CA PRO B 27 -32.52 7.64 -12.08
C PRO B 27 -32.84 6.98 -13.42
N GLY B 28 -32.18 5.85 -13.71
CA GLY B 28 -32.44 5.15 -14.95
C GLY B 28 -31.46 5.41 -16.08
N LEU B 29 -30.38 6.13 -15.80
CA LEU B 29 -29.38 6.42 -16.82
C LEU B 29 -28.80 5.09 -17.25
N LYS B 30 -28.86 4.81 -18.55
CA LYS B 30 -28.40 3.55 -19.11
C LYS B 30 -27.41 3.83 -20.22
N LEU B 31 -26.15 3.85 -19.89
CA LEU B 31 -25.09 4.10 -20.85
C LEU B 31 -23.81 3.41 -20.41
N THR B 32 -22.97 3.07 -21.38
CA THR B 32 -21.69 2.45 -21.09
C THR B 32 -20.68 3.26 -21.88
N LYS B 33 -19.41 3.01 -21.60
CA LYS B 33 -18.34 3.74 -22.25
C LYS B 33 -17.18 2.77 -22.40
N LEU B 34 -16.62 2.69 -23.60
CA LEU B 34 -15.48 1.80 -23.82
C LEU B 34 -14.29 2.43 -23.15
N LEU B 35 -13.66 1.68 -22.27
CA LEU B 35 -12.48 2.15 -21.56
C LEU B 35 -11.30 1.88 -22.51
N LYS B 36 -11.09 0.60 -22.80
CA LYS B 36 -10.03 0.17 -23.71
C LYS B 36 -10.17 -1.30 -24.01
N THR B 37 -9.41 -1.74 -25.01
CA THR B 37 -9.40 -3.13 -25.39
C THR B 37 -8.14 -3.68 -24.76
N LEU B 38 -8.30 -4.71 -23.95
CA LEU B 38 -7.16 -5.27 -23.26
C LEU B 38 -7.03 -6.75 -23.55
N ALA B 39 -5.93 -7.33 -23.10
CA ALA B 39 -5.67 -8.75 -23.28
C ALA B 39 -5.95 -9.46 -21.95
N ILE B 40 -6.17 -10.76 -22.03
CA ILE B 40 -6.38 -11.58 -20.84
C ILE B 40 -5.17 -11.33 -19.96
N GLY B 41 -5.39 -10.97 -18.70
CA GLY B 41 -4.28 -10.74 -17.81
C GLY B 41 -3.94 -9.29 -17.53
N ASP B 42 -4.28 -8.37 -18.43
CA ASP B 42 -3.99 -6.98 -18.13
C ASP B 42 -4.76 -6.57 -16.86
N THR B 43 -4.32 -5.51 -16.22
CA THR B 43 -4.96 -5.09 -14.99
C THR B 43 -5.51 -3.69 -15.04
N ILE B 44 -6.57 -3.46 -14.27
CA ILE B 44 -7.19 -2.16 -14.14
C ILE B 44 -7.25 -1.97 -12.61
N THR B 45 -6.87 -0.80 -12.13
CA THR B 45 -6.88 -0.57 -10.69
C THR B 45 -8.02 0.34 -10.22
N SER B 46 -8.37 0.22 -8.94
CA SER B 46 -9.42 1.09 -8.38
C SER B 46 -9.10 2.58 -8.59
N GLN B 47 -7.82 2.95 -8.52
CA GLN B 47 -7.44 4.34 -8.70
C GLN B 47 -7.74 4.83 -10.10
N GLU B 48 -7.52 3.95 -11.08
CA GLU B 48 -7.77 4.32 -12.47
C GLU B 48 -9.27 4.48 -12.69
N LEU B 49 -10.06 3.63 -12.05
CA LEU B 49 -11.50 3.68 -12.18
C LEU B 49 -12.00 4.97 -11.51
N LEU B 50 -11.41 5.31 -10.35
CA LEU B 50 -11.80 6.54 -9.66
C LEU B 50 -11.60 7.75 -10.57
N ALA B 51 -10.51 7.75 -11.34
CA ALA B 51 -10.22 8.86 -12.23
C ALA B 51 -11.24 8.95 -13.36
N GLN B 52 -11.66 7.79 -13.89
CA GLN B 52 -12.67 7.75 -14.95
C GLN B 52 -14.00 8.27 -14.41
N ALA B 53 -14.34 7.82 -13.21
CA ALA B 53 -15.61 8.25 -12.61
C ALA B 53 -15.69 9.76 -12.33
N GLN B 54 -14.61 10.32 -11.77
CA GLN B 54 -14.56 11.74 -11.44
C GLN B 54 -14.62 12.51 -12.74
N SER B 55 -14.01 11.96 -13.77
CA SER B 55 -13.99 12.61 -15.07
C SER B 55 -15.40 12.66 -15.64
N ILE B 56 -16.10 11.54 -15.58
CA ILE B 56 -17.45 11.51 -16.10
C ILE B 56 -18.36 12.37 -15.21
N LEU B 57 -18.12 12.38 -13.90
CA LEU B 57 -18.92 13.19 -12.99
C LEU B 57 -18.71 14.69 -13.31
N ASN B 58 -17.45 15.08 -13.52
CA ASN B 58 -17.12 16.47 -13.85
C ASN B 58 -17.90 16.91 -15.05
N LYS B 59 -17.99 16.04 -16.04
CA LYS B 59 -18.68 16.39 -17.27
C LYS B 59 -20.18 16.51 -17.15
N ASN B 60 -20.82 15.56 -16.47
CA ASN B 60 -22.28 15.56 -16.34
C ASN B 60 -22.85 16.31 -15.16
N HIS B 61 -22.07 16.46 -14.10
CA HIS B 61 -22.55 17.15 -12.91
C HIS B 61 -21.48 18.00 -12.25
N PRO B 62 -21.03 19.05 -12.95
CA PRO B 62 -20.00 19.93 -12.38
C PRO B 62 -20.50 20.47 -11.05
N GLY B 63 -19.62 20.54 -10.07
CA GLY B 63 -20.03 21.04 -8.76
C GLY B 63 -20.03 19.91 -7.75
N TYR B 64 -20.03 18.69 -8.28
CA TYR B 64 -20.03 17.50 -7.45
C TYR B 64 -18.68 16.84 -7.48
N THR B 65 -18.39 16.13 -6.40
CA THR B 65 -17.16 15.39 -6.27
C THR B 65 -17.52 13.99 -5.77
N ILE B 66 -16.65 13.04 -6.03
CA ILE B 66 -16.82 11.68 -5.55
C ILE B 66 -16.66 11.73 -4.04
N TYR B 67 -17.59 11.16 -3.32
CA TYR B 67 -17.46 11.15 -1.89
C TYR B 67 -16.95 9.78 -1.49
N GLU B 68 -17.54 8.71 -2.02
CA GLU B 68 -17.06 7.38 -1.70
C GLU B 68 -17.67 6.27 -2.55
N ARG B 69 -16.82 5.31 -2.90
CA ARG B 69 -17.24 4.18 -3.72
C ARG B 69 -18.16 3.30 -2.92
N ASP B 70 -19.18 2.76 -3.58
CA ASP B 70 -20.11 1.91 -2.88
C ASP B 70 -20.01 0.45 -3.31
N SER B 71 -19.86 0.22 -4.62
CA SER B 71 -19.75 -1.16 -5.12
C SER B 71 -19.11 -1.17 -6.51
N SER B 72 -18.40 -2.24 -6.84
CA SER B 72 -17.75 -2.39 -8.14
C SER B 72 -17.95 -3.81 -8.57
N ILE B 73 -18.46 -4.00 -9.78
CA ILE B 73 -18.76 -5.34 -10.28
C ILE B 73 -18.38 -5.51 -11.74
N VAL B 74 -17.88 -6.68 -12.07
CA VAL B 74 -17.50 -6.96 -13.43
C VAL B 74 -18.40 -8.07 -13.96
N THR B 75 -19.03 -7.85 -15.10
CA THR B 75 -19.85 -8.88 -15.74
C THR B 75 -19.09 -9.25 -17.00
N HIS B 76 -18.84 -10.53 -17.16
CA HIS B 76 -18.07 -11.03 -18.29
C HIS B 76 -18.96 -11.55 -19.38
N ASP B 77 -18.93 -10.91 -20.54
CA ASP B 77 -19.77 -11.36 -21.65
C ASP B 77 -21.16 -11.62 -21.12
N ASN B 78 -21.74 -12.76 -21.46
CA ASN B 78 -23.07 -13.10 -20.94
C ASN B 78 -22.99 -14.17 -19.85
N ASP B 79 -21.82 -14.38 -19.26
CA ASP B 79 -21.72 -15.36 -18.17
C ASP B 79 -22.56 -14.84 -17.00
N ILE B 80 -23.08 -15.78 -16.22
CA ILE B 80 -23.90 -15.45 -15.06
C ILE B 80 -23.02 -15.20 -13.84
N PHE B 81 -21.85 -15.84 -13.79
CA PHE B 81 -20.95 -15.71 -12.67
C PHE B 81 -20.17 -14.41 -12.84
N ARG B 82 -20.34 -13.48 -11.91
CA ARG B 82 -19.69 -12.19 -11.98
C ARG B 82 -18.53 -12.09 -10.99
N THR B 83 -17.60 -11.16 -11.20
CA THR B 83 -16.59 -11.04 -10.17
C THR B 83 -16.88 -9.78 -9.38
N ILE B 84 -17.05 -9.98 -8.08
CA ILE B 84 -17.32 -8.90 -7.13
C ILE B 84 -15.98 -8.40 -6.66
N LEU B 85 -15.74 -7.11 -6.76
CA LEU B 85 -14.49 -6.53 -6.29
C LEU B 85 -14.65 -6.03 -4.83
N PRO B 86 -13.55 -5.97 -4.07
CA PRO B 86 -13.59 -5.51 -2.67
C PRO B 86 -14.17 -4.11 -2.61
N MET B 87 -15.09 -3.82 -1.70
CA MET B 87 -15.65 -2.47 -1.68
C MET B 87 -15.13 -1.42 -0.70
N ASP B 88 -14.42 -1.83 0.35
CA ASP B 88 -13.93 -0.82 1.27
C ASP B 88 -12.43 -0.58 1.19
N GLN B 89 -11.83 -0.93 0.06
CA GLN B 89 -10.39 -0.73 -0.14
C GLN B 89 -10.01 -0.61 -1.60
N GLU B 90 -8.72 -0.48 -1.86
CA GLU B 90 -8.26 -0.38 -3.23
C GLU B 90 -8.16 -1.80 -3.75
N PHE B 91 -8.21 -1.98 -5.06
CA PHE B 91 -8.17 -3.31 -5.59
C PHE B 91 -7.61 -3.27 -6.99
N THR B 92 -7.36 -4.44 -7.56
CA THR B 92 -6.90 -4.47 -8.93
C THR B 92 -7.76 -5.55 -9.57
N TYR B 93 -8.11 -5.33 -10.82
CA TYR B 93 -8.92 -6.29 -11.51
C TYR B 93 -8.04 -6.80 -12.62
N ARG B 94 -7.96 -8.12 -12.72
CA ARG B 94 -7.17 -8.75 -13.76
C ARG B 94 -8.16 -9.29 -14.78
N VAL B 95 -8.07 -8.83 -16.04
CA VAL B 95 -8.99 -9.32 -17.08
C VAL B 95 -8.99 -10.86 -17.13
N LYS B 96 -10.10 -11.43 -16.66
CA LYS B 96 -10.35 -12.87 -16.54
C LYS B 96 -10.18 -13.72 -17.79
N ASN B 97 -9.54 -14.88 -17.64
CA ASN B 97 -9.32 -15.85 -18.71
C ASN B 97 -10.68 -16.40 -19.12
N ARG B 98 -10.85 -16.68 -20.39
CA ARG B 98 -12.13 -17.16 -20.86
C ARG B 98 -11.99 -17.60 -22.30
N GLU B 99 -13.02 -18.31 -22.72
CA GLU B 99 -13.18 -18.87 -24.03
C GLU B 99 -13.52 -17.73 -25.01
N GLN B 100 -13.03 -17.82 -26.25
CA GLN B 100 -13.30 -16.81 -27.27
C GLN B 100 -14.79 -16.82 -27.58
N ALA B 101 -15.43 -15.65 -27.54
CA ALA B 101 -16.85 -15.55 -27.81
C ALA B 101 -17.14 -15.78 -29.29
N TYR B 102 -18.27 -16.40 -29.57
CA TYR B 102 -18.72 -16.62 -30.94
C TYR B 102 -20.25 -16.71 -30.96
N ARG B 103 -20.82 -16.74 -32.16
CA ARG B 103 -22.26 -16.91 -32.33
C ARG B 103 -22.45 -17.83 -33.54
N ILE B 104 -23.62 -18.45 -33.60
CA ILE B 104 -23.91 -19.33 -34.70
C ILE B 104 -24.52 -18.55 -35.85
N ASN B 105 -23.86 -18.58 -37.00
CA ASN B 105 -24.36 -17.89 -38.19
C ASN B 105 -25.72 -18.53 -38.51
N LYS B 106 -26.75 -17.71 -38.64
CA LYS B 106 -28.10 -18.20 -38.89
C LYS B 106 -28.28 -19.03 -40.14
N LYS B 107 -27.71 -18.54 -41.25
CA LYS B 107 -27.80 -19.24 -42.53
C LYS B 107 -27.03 -20.56 -42.51
N SER B 108 -25.71 -20.47 -42.42
CA SER B 108 -24.86 -21.65 -42.48
C SER B 108 -24.82 -22.56 -41.29
N GLY B 109 -25.17 -22.06 -40.10
CA GLY B 109 -25.09 -22.90 -38.92
C GLY B 109 -23.64 -23.06 -38.49
N LEU B 110 -22.74 -22.29 -39.10
CA LEU B 110 -21.33 -22.36 -38.74
C LEU B 110 -20.98 -21.29 -37.68
N ASN B 111 -19.89 -21.50 -36.95
CA ASN B 111 -19.50 -20.55 -35.90
C ASN B 111 -18.67 -19.35 -36.31
N GLU B 112 -19.09 -18.15 -35.89
CA GLU B 112 -18.31 -16.94 -36.17
C GLU B 112 -17.94 -16.21 -34.89
N GLU B 113 -16.65 -16.00 -34.70
CA GLU B 113 -16.14 -15.38 -33.50
C GLU B 113 -16.51 -13.91 -33.46
N ILE B 114 -16.73 -13.41 -32.25
CA ILE B 114 -17.07 -12.00 -32.04
C ILE B 114 -16.31 -11.54 -30.81
N ASN B 115 -16.26 -10.24 -30.59
CA ASN B 115 -15.49 -9.73 -29.45
C ASN B 115 -15.99 -10.10 -28.07
N ASN B 116 -15.05 -10.41 -27.19
CA ASN B 116 -15.40 -10.68 -25.81
C ASN B 116 -15.50 -9.30 -25.12
N THR B 117 -16.31 -9.21 -24.07
CA THR B 117 -16.49 -7.96 -23.37
C THR B 117 -16.58 -8.21 -21.87
N ASP B 118 -16.14 -7.19 -21.14
CA ASP B 118 -16.21 -7.13 -19.70
C ASP B 118 -16.98 -5.82 -19.48
N LEU B 119 -17.93 -5.86 -18.56
CA LEU B 119 -18.68 -4.66 -18.21
C LEU B 119 -18.36 -4.42 -16.74
N ILE B 120 -17.69 -3.31 -16.49
CA ILE B 120 -17.34 -2.95 -15.14
C ILE B 120 -18.39 -1.91 -14.77
N SER B 121 -19.11 -2.16 -13.69
CA SER B 121 -20.10 -1.21 -13.29
C SER B 121 -19.88 -0.83 -11.83
N GLU B 122 -19.94 0.46 -11.60
CA GLU B 122 -19.71 1.00 -10.28
C GLU B 122 -20.82 1.96 -9.87
N LYS B 123 -20.90 2.14 -8.56
CA LYS B 123 -21.83 3.05 -7.96
C LYS B 123 -21.02 3.84 -6.94
N TYR B 124 -21.14 5.17 -7.01
CA TYR B 124 -20.45 6.05 -6.09
C TYR B 124 -21.44 7.02 -5.47
N TYR B 125 -21.20 7.36 -4.21
CA TYR B 125 -22.02 8.37 -3.54
C TYR B 125 -21.29 9.65 -3.85
N VAL B 126 -22.01 10.70 -4.27
CA VAL B 126 -21.37 11.96 -4.59
C VAL B 126 -21.87 13.09 -3.67
N LEU B 127 -21.09 14.16 -3.57
CA LEU B 127 -21.40 15.29 -2.71
C LEU B 127 -21.21 16.58 -3.49
N LYS B 128 -22.16 17.50 -3.38
CA LYS B 128 -22.03 18.77 -4.06
C LYS B 128 -20.95 19.50 -3.29
N LYS B 129 -19.98 20.06 -4.02
CA LYS B 129 -18.87 20.80 -3.43
C LYS B 129 -19.32 21.81 -2.38
N GLY B 130 -18.48 22.02 -1.38
CA GLY B 130 -18.81 22.97 -0.35
C GLY B 130 -20.09 22.66 0.39
N GLU B 131 -20.30 21.37 0.66
CA GLU B 131 -21.46 20.90 1.40
C GLU B 131 -20.96 19.73 2.22
N LYS B 132 -21.74 19.32 3.21
CA LYS B 132 -21.34 18.20 4.05
C LYS B 132 -22.35 17.06 4.05
N PRO B 133 -21.85 15.81 4.19
CA PRO B 133 -22.71 14.63 4.20
C PRO B 133 -23.75 14.66 5.32
N ILE C 1 -8.26 40.67 6.55
CA ILE C 1 -7.90 40.93 5.12
C ILE C 1 -8.40 42.30 4.71
N GLN C 2 -7.47 43.11 4.23
CA GLN C 2 -7.73 44.48 3.82
C GLN C 2 -8.14 44.69 2.36
N ASN C 3 -7.85 43.72 1.50
CA ASN C 3 -8.18 43.83 0.08
C ASN C 3 -8.16 42.43 -0.56
N GLN C 4 -9.18 41.65 -0.24
CA GLN C 4 -9.32 40.28 -0.71
C GLN C 4 -8.97 40.02 -2.18
N ALA C 5 -8.18 38.98 -2.42
CA ALA C 5 -7.80 38.62 -3.78
C ALA C 5 -9.04 38.35 -4.62
N LYS C 6 -8.95 38.74 -5.87
CA LYS C 6 -10.06 38.60 -6.80
C LYS C 6 -10.21 37.18 -7.31
N SER C 7 -9.10 36.45 -7.36
CA SER C 7 -9.12 35.08 -7.84
C SER C 7 -7.80 34.40 -7.47
N VAL C 8 -7.72 33.11 -7.73
CA VAL C 8 -6.50 32.38 -7.44
C VAL C 8 -6.25 31.31 -8.47
N ASP C 9 -5.10 31.39 -9.11
CA ASP C 9 -4.74 30.35 -10.08
C ASP C 9 -4.24 29.22 -9.19
N VAL C 10 -4.79 28.03 -9.37
CA VAL C 10 -4.36 26.90 -8.58
C VAL C 10 -3.48 26.05 -9.48
N GLU C 11 -2.18 26.08 -9.23
CA GLU C 11 -1.25 25.28 -10.00
C GLU C 11 -0.95 23.96 -9.28
N TYR C 12 -0.58 22.96 -10.07
CA TYR C 12 -0.34 21.65 -9.51
C TYR C 12 0.94 21.01 -9.97
N THR C 13 1.60 20.35 -9.02
CA THR C 13 2.82 19.64 -9.31
C THR C 13 2.84 18.36 -8.47
N VAL C 14 3.23 17.25 -9.08
CA VAL C 14 3.27 15.99 -8.37
C VAL C 14 4.56 15.22 -8.65
N GLN C 15 5.11 14.60 -7.61
CA GLN C 15 6.30 13.80 -7.78
C GLN C 15 5.85 12.35 -7.57
N PHE C 16 6.36 11.45 -8.40
CA PHE C 16 6.01 10.04 -8.31
C PHE C 16 7.22 9.23 -7.86
N THR C 17 7.04 8.38 -6.86
CA THR C 17 8.12 7.55 -6.36
C THR C 17 7.72 6.08 -6.47
N PRO C 18 8.35 5.32 -7.37
CA PRO C 18 8.05 3.89 -7.55
C PRO C 18 8.54 3.06 -6.36
N LEU C 19 7.72 2.11 -5.91
CA LEU C 19 8.13 1.25 -4.80
C LEU C 19 9.31 0.40 -5.24
N ASN C 20 9.40 0.16 -6.54
CA ASN C 20 10.46 -0.62 -7.16
C ASN C 20 11.34 0.23 -8.09
N PRO C 21 12.64 0.38 -7.78
CA PRO C 21 13.55 1.19 -8.61
C PRO C 21 13.33 1.07 -10.13
N ASP C 22 13.05 2.20 -10.77
CA ASP C 22 12.80 2.26 -12.23
C ASP C 22 13.54 3.51 -12.73
N ASP C 23 14.45 3.31 -13.69
CA ASP C 23 15.24 4.39 -14.28
C ASP C 23 14.44 5.49 -15.00
N ASP C 24 13.24 5.15 -15.46
CA ASP C 24 12.44 6.14 -16.17
C ASP C 24 11.94 7.22 -15.24
N PHE C 25 12.15 7.06 -13.94
CA PHE C 25 11.71 8.08 -13.01
C PHE C 25 12.92 8.91 -12.61
N ARG C 26 13.34 9.78 -13.53
CA ARG C 26 14.47 10.65 -13.33
C ARG C 26 14.11 11.75 -12.32
N PRO C 27 14.89 11.86 -11.23
CA PRO C 27 14.60 12.88 -10.22
C PRO C 27 14.95 14.26 -10.75
N GLY C 28 14.26 15.27 -10.25
CA GLY C 28 14.52 16.62 -10.69
C GLY C 28 13.44 17.23 -11.60
N LEU C 29 12.41 16.45 -11.91
CA LEU C 29 11.32 16.97 -12.75
C LEU C 29 10.82 18.25 -12.12
N LYS C 30 10.68 19.30 -12.93
CA LYS C 30 10.21 20.58 -12.41
C LYS C 30 9.23 21.20 -13.37
N LEU C 31 7.95 20.90 -13.14
CA LEU C 31 6.87 21.42 -13.95
C LEU C 31 5.61 21.58 -13.12
N THR C 32 4.77 22.52 -13.51
CA THR C 32 3.51 22.69 -12.81
C THR C 32 2.46 22.75 -13.90
N LYS C 33 1.24 22.38 -13.54
CA LYS C 33 0.14 22.38 -14.46
C LYS C 33 -0.93 23.23 -13.82
N LEU C 34 -1.53 24.15 -14.58
CA LEU C 34 -2.60 24.99 -14.05
C LEU C 34 -3.87 24.16 -13.95
N LEU C 35 -4.37 23.95 -12.73
CA LEU C 35 -5.58 23.18 -12.54
C LEU C 35 -6.76 23.96 -13.06
N LYS C 36 -6.98 25.11 -12.43
CA LYS C 36 -8.07 26.01 -12.76
C LYS C 36 -7.96 27.29 -11.94
N THR C 37 -8.71 28.29 -12.34
CA THR C 37 -8.73 29.56 -11.64
C THR C 37 -9.95 29.55 -10.73
N LEU C 38 -9.72 29.65 -9.44
CA LEU C 38 -10.80 29.61 -8.49
C LEU C 38 -10.86 30.86 -7.62
N ALA C 39 -11.94 30.98 -6.87
CA ALA C 39 -12.12 32.10 -5.99
C ALA C 39 -11.98 31.68 -4.54
N ILE C 40 -11.64 32.64 -3.70
CA ILE C 40 -11.50 32.40 -2.27
C ILE C 40 -12.72 31.61 -1.83
N GLY C 41 -12.50 30.62 -0.96
CA GLY C 41 -13.61 29.83 -0.49
C GLY C 41 -13.91 28.57 -1.29
N ASP C 42 -13.60 28.56 -2.59
CA ASP C 42 -13.87 27.34 -3.36
C ASP C 42 -13.06 26.16 -2.81
N THR C 43 -13.50 24.96 -3.14
CA THR C 43 -12.87 23.77 -2.63
C THR C 43 -12.28 22.85 -3.70
N ILE C 44 -11.34 22.04 -3.24
CA ILE C 44 -10.64 21.06 -4.06
C ILE C 44 -10.50 19.87 -3.11
N THR C 45 -10.93 18.70 -3.58
CA THR C 45 -10.89 17.52 -2.76
C THR C 45 -9.75 16.59 -3.16
N SER C 46 -9.35 15.75 -2.21
CA SER C 46 -8.27 14.78 -2.43
C SER C 46 -8.60 13.82 -3.57
N GLN C 47 -9.88 13.50 -3.74
CA GLN C 47 -10.30 12.61 -4.82
C GLN C 47 -9.99 13.24 -6.15
N GLU C 48 -10.28 14.54 -6.24
CA GLU C 48 -10.03 15.30 -7.45
C GLU C 48 -8.53 15.36 -7.74
N LEU C 49 -7.72 15.48 -6.69
CA LEU C 49 -6.27 15.56 -6.90
C LEU C 49 -5.78 14.20 -7.39
N LEU C 50 -6.28 13.14 -6.73
CA LEU C 50 -5.91 11.77 -7.06
C LEU C 50 -6.25 11.47 -8.52
N ALA C 51 -7.41 11.93 -8.95
CA ALA C 51 -7.81 11.70 -10.34
C ALA C 51 -6.89 12.47 -11.27
N GLN C 52 -6.46 13.64 -10.81
CA GLN C 52 -5.58 14.47 -11.60
C GLN C 52 -4.19 13.81 -11.69
N ALA C 53 -3.70 13.32 -10.55
CA ALA C 53 -2.38 12.70 -10.48
C ALA C 53 -2.32 11.43 -11.33
N GLN C 54 -3.35 10.59 -11.22
CA GLN C 54 -3.40 9.34 -11.97
C GLN C 54 -3.38 9.65 -13.47
N SER C 55 -4.14 10.65 -13.86
CA SER C 55 -4.20 11.07 -15.25
C SER C 55 -2.83 11.50 -15.75
N ILE C 56 -2.07 12.19 -14.90
CA ILE C 56 -0.74 12.64 -15.28
C ILE C 56 0.20 11.45 -15.32
N LEU C 57 -0.04 10.46 -14.44
CA LEU C 57 0.79 9.26 -14.38
C LEU C 57 0.59 8.45 -15.66
N ASN C 58 -0.65 8.42 -16.15
CA ASN C 58 -1.03 7.72 -17.37
C ASN C 58 -0.25 8.25 -18.57
N LYS C 59 -0.14 9.57 -18.67
CA LYS C 59 0.56 10.15 -19.80
C LYS C 59 2.08 9.98 -19.77
N ASN C 60 2.70 10.24 -18.64
CA ASN C 60 4.17 10.15 -18.55
C ASN C 60 4.80 8.80 -18.26
N HIS C 61 4.08 7.95 -17.52
CA HIS C 61 4.58 6.64 -17.15
C HIS C 61 3.53 5.55 -17.29
N PRO C 62 3.07 5.29 -18.53
CA PRO C 62 2.04 4.25 -18.72
C PRO C 62 2.54 2.92 -18.13
N GLY C 63 1.64 2.15 -17.55
CA GLY C 63 2.04 0.88 -16.94
C GLY C 63 2.06 0.99 -15.43
N TYR C 64 1.98 2.22 -14.93
CA TYR C 64 1.99 2.44 -13.50
C TYR C 64 0.66 2.92 -12.95
N THR C 65 0.45 2.71 -11.66
CA THR C 65 -0.75 3.15 -10.97
C THR C 65 -0.35 3.77 -9.63
N ILE C 66 -1.12 4.76 -9.19
CA ILE C 66 -0.87 5.38 -7.89
C ILE C 66 -1.08 4.24 -6.90
N TYR C 67 -0.26 4.20 -5.85
CA TYR C 67 -0.40 3.20 -4.80
C TYR C 67 -0.95 3.95 -3.61
N GLU C 68 -0.23 4.99 -3.19
CA GLU C 68 -0.70 5.84 -2.11
C GLU C 68 -0.01 7.21 -2.00
N ARG C 69 -0.74 8.16 -1.44
CA ARG C 69 -0.29 9.54 -1.25
C ARG C 69 0.69 9.65 -0.10
N ASP C 70 1.85 10.25 -0.34
CA ASP C 70 2.82 10.42 0.72
C ASP C 70 2.66 11.77 1.40
N SER C 71 2.33 12.81 0.61
CA SER C 71 2.12 14.15 1.16
C SER C 71 1.52 15.14 0.16
N SER C 72 0.78 16.11 0.70
CA SER C 72 0.12 17.14 -0.06
C SER C 72 0.35 18.40 0.74
N ILE C 73 0.79 19.44 0.04
CA ILE C 73 1.09 20.69 0.70
C ILE C 73 0.65 21.82 -0.22
N VAL C 74 0.25 22.92 0.38
CA VAL C 74 -0.13 24.05 -0.44
C VAL C 74 0.72 25.26 -0.09
N THR C 75 1.45 25.77 -1.06
CA THR C 75 2.24 26.98 -0.83
C THR C 75 1.41 28.12 -1.46
N HIS C 76 1.15 29.17 -0.68
CA HIS C 76 0.32 30.28 -1.15
C HIS C 76 1.12 31.46 -1.60
N ASP C 77 1.05 31.79 -2.89
CA ASP C 77 1.81 32.91 -3.42
C ASP C 77 3.26 32.80 -2.94
N ASN C 78 3.81 33.85 -2.36
CA ASN C 78 5.18 33.80 -1.90
C ASN C 78 5.31 33.83 -0.39
N ASP C 79 4.27 33.52 0.37
CA ASP C 79 4.57 33.59 1.77
C ASP C 79 5.05 32.28 2.32
N ILE C 80 5.74 32.37 3.44
CA ILE C 80 6.40 31.24 4.04
C ILE C 80 5.56 30.24 4.72
N PHE C 81 4.37 30.64 5.17
CA PHE C 81 3.50 29.71 5.88
C PHE C 81 2.65 28.93 4.91
N ARG C 82 2.90 27.63 4.88
CA ARG C 82 2.18 26.75 3.98
C ARG C 82 1.18 25.91 4.75
N THR C 83 0.19 25.35 4.07
CA THR C 83 -0.73 24.47 4.77
C THR C 83 -0.47 23.03 4.33
N ILE C 84 -0.24 22.17 5.33
CA ILE C 84 0.01 20.75 5.14
C ILE C 84 -1.33 20.08 5.09
N LEU C 85 -1.57 19.28 4.07
CA LEU C 85 -2.85 18.61 3.97
C LEU C 85 -2.76 17.20 4.56
N PRO C 86 -3.86 16.71 5.16
CA PRO C 86 -3.97 15.37 5.78
C PRO C 86 -3.39 14.32 4.85
N MET C 87 -2.51 13.46 5.38
CA MET C 87 -1.89 12.43 4.55
C MET C 87 -2.45 11.02 4.67
N ASP C 88 -3.21 10.75 5.72
CA ASP C 88 -3.77 9.42 5.89
C ASP C 88 -5.28 9.36 5.71
N GLN C 89 -5.85 10.42 5.12
CA GLN C 89 -7.28 10.45 4.92
C GLN C 89 -7.67 11.39 3.81
N GLU C 90 -8.91 11.28 3.39
CA GLU C 90 -9.44 12.16 2.38
C GLU C 90 -9.56 13.53 3.05
N PHE C 91 -9.53 14.59 2.25
CA PHE C 91 -9.60 15.96 2.74
C PHE C 91 -10.15 16.84 1.65
N THR C 92 -10.43 18.09 2.01
CA THR C 92 -10.87 19.04 1.00
C THR C 92 -10.06 20.30 1.29
N TYR C 93 -9.55 20.94 0.25
CA TYR C 93 -8.78 22.14 0.48
C TYR C 93 -9.69 23.28 0.10
N ARG C 94 -9.76 24.28 0.96
CA ARG C 94 -10.58 25.43 0.69
C ARG C 94 -9.60 26.57 0.32
N VAL C 95 -9.74 27.16 -0.86
CA VAL C 95 -8.83 28.22 -1.28
C VAL C 95 -8.77 29.32 -0.22
N LYS C 96 -7.67 29.29 0.53
CA LYS C 96 -7.38 30.22 1.62
C LYS C 96 -7.57 31.69 1.25
N ASN C 97 -8.21 32.43 2.14
CA ASN C 97 -8.46 33.84 1.93
C ASN C 97 -7.13 34.61 2.07
N ARG C 98 -6.93 35.64 1.25
CA ARG C 98 -5.67 36.39 1.30
C ARG C 98 -5.81 37.78 0.69
N GLU C 99 -4.77 38.59 0.85
CA GLU C 99 -4.71 39.93 0.30
C GLU C 99 -4.43 39.82 -1.19
N GLN C 100 -4.97 40.75 -1.98
CA GLN C 100 -4.78 40.75 -3.42
C GLN C 100 -3.29 40.96 -3.69
N ALA C 101 -2.71 40.14 -4.56
CA ALA C 101 -1.26 40.28 -4.86
C ALA C 101 -0.93 41.47 -5.75
N TYR C 102 0.23 42.07 -5.50
CA TYR C 102 0.65 43.18 -6.35
C TYR C 102 2.16 43.32 -6.34
N ARG C 103 2.70 44.00 -7.35
CA ARG C 103 4.14 44.24 -7.39
C ARG C 103 4.29 45.74 -7.65
N ILE C 104 5.46 46.28 -7.35
CA ILE C 104 5.70 47.72 -7.52
C ILE C 104 6.34 48.05 -8.84
N ASN C 105 5.71 48.94 -9.59
CA ASN C 105 6.21 49.37 -10.90
C ASN C 105 7.57 50.02 -10.67
N LYS C 106 8.59 49.51 -11.37
CA LYS C 106 9.96 50.00 -11.18
C LYS C 106 10.17 51.48 -11.49
N LYS C 107 9.68 51.94 -12.62
CA LYS C 107 9.83 53.35 -12.96
C LYS C 107 8.91 54.25 -12.12
N SER C 108 7.60 54.04 -12.19
CA SER C 108 6.64 54.87 -11.46
C SER C 108 6.60 54.69 -9.96
N GLY C 109 7.00 53.53 -9.49
CA GLY C 109 6.95 53.31 -8.05
C GLY C 109 5.50 53.17 -7.60
N LEU C 110 4.60 52.84 -8.53
CA LEU C 110 3.18 52.66 -8.23
C LEU C 110 2.80 51.17 -8.20
N ASN C 111 1.67 50.85 -7.58
CA ASN C 111 1.27 49.45 -7.48
C ASN C 111 0.49 48.87 -8.64
N GLU C 112 0.85 47.63 -9.01
CA GLU C 112 0.15 46.91 -10.09
C GLU C 112 -0.28 45.55 -9.57
N GLU C 113 -1.57 45.31 -9.54
CA GLU C 113 -2.08 44.03 -9.11
C GLU C 113 -1.72 42.90 -10.07
N ILE C 114 -1.38 41.73 -9.52
CA ILE C 114 -1.07 40.57 -10.33
C ILE C 114 -1.81 39.38 -9.75
N ASN C 115 -1.88 38.30 -10.51
CA ASN C 115 -2.61 37.12 -10.06
C ASN C 115 -2.07 36.43 -8.82
N ASN C 116 -2.96 36.10 -7.90
CA ASN C 116 -2.52 35.36 -6.72
C ASN C 116 -2.45 33.91 -7.23
N THR C 117 -1.67 33.07 -6.56
CA THR C 117 -1.56 31.69 -6.99
C THR C 117 -1.46 30.79 -5.79
N ASP C 118 -1.89 29.56 -6.00
CA ASP C 118 -1.78 28.52 -5.01
C ASP C 118 -1.01 27.43 -5.75
N LEU C 119 0.02 26.88 -5.10
CA LEU C 119 0.76 25.78 -5.69
C LEU C 119 0.53 24.57 -4.79
N ILE C 120 -0.28 23.63 -5.28
CA ILE C 120 -0.56 22.39 -4.58
C ILE C 120 0.53 21.41 -5.03
N SER C 121 1.35 20.98 -4.10
CA SER C 121 2.44 20.07 -4.42
C SER C 121 2.22 18.72 -3.75
N GLU C 122 2.15 17.65 -4.55
CA GLU C 122 1.92 16.32 -3.98
C GLU C 122 3.01 15.33 -4.33
N LYS C 123 3.04 14.24 -3.57
CA LYS C 123 4.00 13.17 -3.79
C LYS C 123 3.25 11.85 -3.57
N TYR C 124 3.35 10.95 -4.54
CA TYR C 124 2.71 9.64 -4.44
C TYR C 124 3.67 8.49 -4.70
N TYR C 125 3.43 7.37 -4.01
CA TYR C 125 4.22 6.18 -4.26
C TYR C 125 3.47 5.49 -5.37
N VAL C 126 4.19 4.98 -6.35
CA VAL C 126 3.53 4.31 -7.47
C VAL C 126 4.00 2.87 -7.60
N LEU C 127 3.27 2.10 -8.42
CA LEU C 127 3.53 0.67 -8.58
C LEU C 127 3.30 0.23 -10.00
N LYS C 128 4.11 -0.71 -10.47
CA LYS C 128 3.94 -1.24 -11.83
C LYS C 128 2.58 -1.96 -11.74
N LYS C 129 1.71 -1.77 -12.73
CA LYS C 129 0.40 -2.39 -12.67
C LYS C 129 0.49 -3.91 -12.65
N GLY C 130 -0.30 -4.51 -11.76
CA GLY C 130 -0.29 -5.95 -11.63
C GLY C 130 0.58 -6.46 -10.48
N GLU C 131 1.65 -5.76 -10.14
CA GLU C 131 2.53 -6.19 -9.06
C GLU C 131 1.94 -5.83 -7.71
N LYS C 132 2.37 -6.53 -6.65
CA LYS C 132 1.90 -6.25 -5.29
C LYS C 132 2.94 -5.33 -4.64
N PRO C 133 2.57 -4.62 -3.57
CA PRO C 133 3.48 -3.72 -2.86
C PRO C 133 4.67 -4.35 -2.13
N TYR C 134 5.33 -5.32 -2.75
CA TYR C 134 6.49 -5.93 -2.14
C TYR C 134 7.66 -4.96 -2.31
N ASP C 135 8.56 -4.94 -1.34
CA ASP C 135 9.71 -4.03 -1.37
C ASP C 135 10.93 -4.63 -2.06
N PRO C 136 12.05 -3.86 -2.16
CA PRO C 136 13.31 -4.29 -2.78
C PRO C 136 13.91 -5.54 -2.12
N PHE C 137 13.56 -5.76 -0.85
CA PHE C 137 14.05 -6.91 -0.14
C PHE C 137 12.93 -7.94 -0.17
N ASP C 138 11.93 -7.66 -1.02
CA ASP C 138 10.72 -8.49 -1.21
C ASP C 138 9.64 -8.19 -0.15
N ILE D 1 27.15 -21.33 4.87
CA ILE D 1 26.49 -21.56 6.19
C ILE D 1 27.32 -22.47 7.10
N GLN D 2 27.74 -21.95 8.25
CA GLN D 2 28.54 -22.71 9.19
C GLN D 2 27.68 -23.49 10.18
N ASN D 3 27.18 -22.80 11.21
CA ASN D 3 26.35 -23.47 12.20
C ASN D 3 24.91 -23.48 11.69
N GLN D 4 24.58 -24.51 10.91
CA GLN D 4 23.25 -24.67 10.33
C GLN D 4 22.20 -24.86 11.41
N ALA D 5 21.03 -24.23 11.23
CA ALA D 5 19.94 -24.36 12.20
C ALA D 5 19.57 -25.81 12.35
N LYS D 6 19.27 -26.22 13.57
CA LYS D 6 18.94 -27.62 13.81
C LYS D 6 17.44 -27.83 13.66
N SER D 7 16.69 -26.74 13.83
CA SER D 7 15.24 -26.78 13.75
C SER D 7 14.70 -25.43 13.31
N VAL D 8 13.45 -25.43 12.83
CA VAL D 8 12.78 -24.21 12.46
C VAL D 8 11.31 -24.34 12.85
N ASP D 9 10.85 -23.44 13.71
CA ASP D 9 9.45 -23.48 14.11
C ASP D 9 8.72 -22.67 13.06
N VAL D 10 7.75 -23.31 12.44
CA VAL D 10 6.98 -22.62 11.41
C VAL D 10 5.70 -22.06 12.01
N GLU D 11 5.67 -20.75 12.14
CA GLU D 11 4.47 -20.10 12.66
C GLU D 11 3.66 -19.63 11.47
N TYR D 12 2.37 -19.50 11.70
CA TYR D 12 1.44 -19.10 10.67
C TYR D 12 0.50 -17.99 11.17
N THR D 13 0.19 -17.06 10.28
CA THR D 13 -0.74 -15.99 10.57
C THR D 13 -1.47 -15.70 9.26
N VAL D 14 -2.77 -15.52 9.37
CA VAL D 14 -3.61 -15.29 8.22
C VAL D 14 -4.58 -14.17 8.45
N GLN D 15 -4.85 -13.43 7.39
CA GLN D 15 -5.79 -12.34 7.46
C GLN D 15 -6.88 -12.61 6.45
N PHE D 16 -8.11 -12.40 6.88
CA PHE D 16 -9.26 -12.60 6.03
C PHE D 16 -9.95 -11.28 5.71
N THR D 17 -10.22 -11.05 4.44
CA THR D 17 -10.91 -9.85 4.03
C THR D 17 -12.20 -10.29 3.33
N PRO D 18 -13.35 -9.90 3.89
CA PRO D 18 -14.65 -10.26 3.32
C PRO D 18 -14.95 -9.41 2.07
N LEU D 19 -15.40 -10.06 1.00
CA LEU D 19 -15.71 -9.30 -0.21
C LEU D 19 -16.80 -8.32 0.19
N ASN D 20 -17.85 -8.88 0.80
CA ASN D 20 -18.98 -8.14 1.33
C ASN D 20 -18.67 -7.73 2.77
N PRO D 21 -18.55 -6.41 3.04
CA PRO D 21 -18.25 -5.87 4.38
C PRO D 21 -19.03 -6.53 5.53
N ASP D 22 -18.36 -6.72 6.65
CA ASP D 22 -18.98 -7.35 7.79
C ASP D 22 -18.31 -6.90 9.07
N ASP D 23 -19.09 -6.28 9.96
CA ASP D 23 -18.59 -5.77 11.24
C ASP D 23 -17.75 -6.77 12.03
N ASP D 24 -18.10 -8.05 11.93
CA ASP D 24 -17.39 -9.10 12.65
C ASP D 24 -15.93 -9.28 12.26
N PHE D 25 -15.52 -8.70 11.13
CA PHE D 25 -14.13 -8.80 10.71
C PHE D 25 -13.37 -7.57 11.16
N ARG D 26 -13.12 -7.49 12.47
CA ARG D 26 -12.40 -6.36 13.02
C ARG D 26 -10.96 -6.40 12.49
N PRO D 27 -10.51 -5.32 11.83
CA PRO D 27 -9.13 -5.29 11.30
C PRO D 27 -8.14 -5.07 12.43
N GLY D 28 -6.91 -5.58 12.27
CA GLY D 28 -5.89 -5.43 13.30
C GLY D 28 -5.60 -6.70 14.08
N LEU D 29 -6.18 -7.80 13.65
CA LEU D 29 -5.95 -9.08 14.31
C LEU D 29 -4.47 -9.38 14.28
N LYS D 30 -3.87 -9.57 15.46
CA LYS D 30 -2.45 -9.83 15.53
C LYS D 30 -2.24 -11.06 16.39
N LEU D 31 -2.13 -12.21 15.72
CA LEU D 31 -1.93 -13.48 16.39
C LEU D 31 -1.25 -14.45 15.42
N THR D 32 -0.49 -15.38 15.97
CA THR D 32 0.15 -16.38 15.12
C THR D 32 -0.17 -17.73 15.71
N LYS D 33 0.01 -18.76 14.91
CA LYS D 33 -0.26 -20.12 15.34
C LYS D 33 0.96 -20.93 14.92
N LEU D 34 1.44 -21.80 15.82
CA LEU D 34 2.59 -22.64 15.52
C LEU D 34 2.12 -23.81 14.70
N LEU D 35 2.53 -23.85 13.45
CA LEU D 35 2.13 -24.93 12.55
C LEU D 35 2.82 -26.23 12.92
N LYS D 36 4.14 -26.19 13.02
CA LYS D 36 4.93 -27.36 13.39
C LYS D 36 6.41 -27.03 13.32
N THR D 37 7.22 -27.84 13.98
CA THR D 37 8.65 -27.66 13.97
C THR D 37 9.15 -28.55 12.86
N LEU D 38 9.88 -27.95 11.92
CA LEU D 38 10.37 -28.69 10.79
C LEU D 38 11.87 -28.57 10.67
N ALA D 39 12.44 -29.38 9.79
CA ALA D 39 13.87 -29.33 9.58
C ALA D 39 14.11 -28.59 8.28
N ILE D 40 15.31 -28.03 8.16
CA ILE D 40 15.73 -27.33 6.95
C ILE D 40 15.48 -28.29 5.80
N GLY D 41 14.98 -27.80 4.67
CA GLY D 41 14.76 -28.70 3.56
C GLY D 41 13.35 -29.25 3.51
N ASP D 42 12.67 -29.36 4.65
CA ASP D 42 11.30 -29.86 4.63
C ASP D 42 10.42 -28.90 3.85
N THR D 43 9.32 -29.44 3.36
CA THR D 43 8.39 -28.68 2.56
C THR D 43 6.99 -28.52 3.15
N ILE D 44 6.32 -27.44 2.74
CA ILE D 44 4.95 -27.15 3.16
C ILE D 44 4.32 -26.72 1.83
N THR D 45 3.12 -27.21 1.53
CA THR D 45 2.47 -26.88 0.27
C THR D 45 1.33 -25.88 0.42
N SER D 46 0.99 -25.23 -0.69
CA SER D 46 -0.11 -24.28 -0.68
C SER D 46 -1.42 -24.97 -0.29
N GLN D 47 -1.56 -26.25 -0.66
CA GLN D 47 -2.75 -27.00 -0.32
C GLN D 47 -2.87 -27.22 1.17
N GLU D 48 -1.74 -27.45 1.85
CA GLU D 48 -1.79 -27.64 3.30
C GLU D 48 -2.10 -26.32 3.97
N LEU D 49 -1.63 -25.22 3.38
CA LEU D 49 -1.87 -23.89 3.92
C LEU D 49 -3.33 -23.51 3.68
N LEU D 50 -3.88 -23.87 2.51
CA LEU D 50 -5.27 -23.55 2.26
C LEU D 50 -6.13 -24.25 3.32
N ALA D 51 -5.82 -25.52 3.56
CA ALA D 51 -6.54 -26.30 4.55
C ALA D 51 -6.45 -25.64 5.94
N GLN D 52 -5.25 -25.17 6.31
CA GLN D 52 -5.11 -24.48 7.61
C GLN D 52 -5.98 -23.21 7.66
N ALA D 53 -5.89 -22.39 6.62
CA ALA D 53 -6.67 -21.15 6.56
C ALA D 53 -8.17 -21.44 6.65
N GLN D 54 -8.62 -22.43 5.87
CA GLN D 54 -10.02 -22.79 5.87
C GLN D 54 -10.46 -23.28 7.25
N SER D 55 -9.57 -24.01 7.91
CA SER D 55 -9.87 -24.53 9.24
C SER D 55 -9.98 -23.39 10.25
N ILE D 56 -9.05 -22.44 10.18
CA ILE D 56 -9.08 -21.28 11.07
C ILE D 56 -10.31 -20.44 10.76
N LEU D 57 -10.68 -20.36 9.49
CA LEU D 57 -11.84 -19.57 9.09
C LEU D 57 -13.11 -20.20 9.66
N ASN D 58 -13.16 -21.53 9.68
CA ASN D 58 -14.32 -22.25 10.20
C ASN D 58 -14.56 -21.98 11.67
N LYS D 59 -13.51 -21.83 12.46
CA LYS D 59 -13.72 -21.56 13.88
C LYS D 59 -14.11 -20.10 14.07
N ASN D 60 -13.28 -19.22 13.55
CA ASN D 60 -13.50 -17.80 13.73
C ASN D 60 -14.70 -17.21 13.03
N HIS D 61 -15.02 -17.67 11.83
CA HIS D 61 -16.15 -17.12 11.10
C HIS D 61 -16.94 -18.17 10.36
N PRO D 62 -17.80 -18.92 11.09
CA PRO D 62 -18.61 -19.95 10.43
C PRO D 62 -19.54 -19.28 9.42
N GLY D 63 -19.78 -19.96 8.32
CA GLY D 63 -20.67 -19.38 7.32
C GLY D 63 -19.88 -18.66 6.25
N TYR D 64 -18.56 -18.64 6.40
CA TYR D 64 -17.71 -18.01 5.41
C TYR D 64 -16.80 -19.06 4.82
N THR D 65 -16.40 -18.83 3.57
CA THR D 65 -15.48 -19.75 2.92
C THR D 65 -14.38 -19.02 2.16
N ILE D 66 -13.21 -19.63 2.10
CA ILE D 66 -12.10 -19.05 1.38
C ILE D 66 -12.55 -18.86 -0.05
N TYR D 67 -12.27 -17.69 -0.60
CA TYR D 67 -12.62 -17.43 -1.97
C TYR D 67 -11.34 -17.40 -2.78
N GLU D 68 -10.44 -16.51 -2.43
CA GLU D 68 -9.19 -16.37 -3.17
C GLU D 68 -7.96 -15.98 -2.35
N ARG D 69 -6.84 -16.64 -2.61
CA ARG D 69 -5.62 -16.28 -1.93
C ARG D 69 -5.11 -14.96 -2.53
N ASP D 70 -4.80 -14.01 -1.68
CA ASP D 70 -4.30 -12.72 -2.11
C ASP D 70 -2.78 -12.73 -2.14
N SER D 71 -2.18 -13.07 -1.00
CA SER D 71 -0.73 -13.12 -0.88
C SER D 71 -0.23 -14.09 0.19
N SER D 72 1.01 -14.56 -0.02
CA SER D 72 1.68 -15.48 0.87
C SER D 72 3.15 -15.11 0.92
N ILE D 73 3.63 -14.75 2.11
CA ILE D 73 5.02 -14.39 2.26
C ILE D 73 5.61 -15.08 3.49
N VAL D 74 6.88 -15.44 3.41
CA VAL D 74 7.53 -16.08 4.55
C VAL D 74 8.62 -15.14 5.07
N THR D 75 8.58 -14.80 6.35
CA THR D 75 9.62 -13.94 6.87
C THR D 75 10.46 -14.88 7.74
N HIS D 76 11.78 -14.84 7.57
CA HIS D 76 12.68 -15.76 8.30
C HIS D 76 13.40 -15.15 9.47
N ASP D 77 13.10 -15.65 10.67
CA ASP D 77 13.72 -15.10 11.87
C ASP D 77 13.57 -13.60 11.79
N ASN D 78 14.65 -12.84 11.99
CA ASN D 78 14.59 -11.37 11.87
C ASN D 78 15.29 -10.92 10.59
N ASP D 79 15.45 -11.82 9.64
CA ASP D 79 16.10 -11.49 8.37
C ASP D 79 15.27 -10.43 7.62
N ILE D 80 15.98 -9.57 6.91
CA ILE D 80 15.33 -8.51 6.15
C ILE D 80 14.76 -9.10 4.85
N PHE D 81 15.46 -10.08 4.28
CA PHE D 81 15.04 -10.71 3.03
C PHE D 81 13.94 -11.75 3.20
N ARG D 82 12.78 -11.47 2.59
CA ARG D 82 11.67 -12.38 2.71
C ARG D 82 11.44 -13.18 1.43
N THR D 83 10.78 -14.33 1.53
CA THR D 83 10.52 -15.01 0.28
C THR D 83 9.03 -14.92 -0.04
N ILE D 84 8.75 -14.42 -1.23
CA ILE D 84 7.39 -14.26 -1.72
C ILE D 84 6.96 -15.62 -2.27
N LEU D 85 5.74 -16.05 -1.95
CA LEU D 85 5.26 -17.32 -2.47
C LEU D 85 4.35 -17.02 -3.67
N PRO D 86 4.43 -17.85 -4.74
CA PRO D 86 3.63 -17.69 -5.97
C PRO D 86 2.20 -17.28 -5.65
N MET D 87 1.78 -16.19 -6.30
CA MET D 87 0.46 -15.59 -6.09
C MET D 87 -0.77 -16.29 -6.68
N ASP D 88 -0.71 -16.69 -7.96
CA ASP D 88 -1.86 -17.32 -8.59
C ASP D 88 -1.66 -18.77 -8.98
N GLN D 89 -0.91 -19.52 -8.19
CA GLN D 89 -0.70 -20.92 -8.54
C GLN D 89 -0.34 -21.70 -7.31
N GLU D 90 -0.37 -23.02 -7.41
CA GLU D 90 -0.02 -23.89 -6.30
C GLU D 90 1.50 -23.81 -6.16
N PHE D 91 2.00 -24.01 -4.95
CA PHE D 91 3.42 -23.89 -4.75
C PHE D 91 3.85 -24.77 -3.60
N THR D 92 5.16 -24.90 -3.46
CA THR D 92 5.70 -25.63 -2.34
C THR D 92 6.81 -24.75 -1.78
N TYR D 93 6.80 -24.57 -0.48
CA TYR D 93 7.81 -23.81 0.20
C TYR D 93 8.74 -24.82 0.87
N ARG D 94 10.05 -24.63 0.73
CA ARG D 94 11.05 -25.51 1.38
C ARG D 94 11.68 -24.71 2.50
N VAL D 95 11.61 -25.18 3.74
CA VAL D 95 12.20 -24.45 4.84
C VAL D 95 13.64 -24.08 4.49
N LYS D 96 13.85 -22.76 4.31
CA LYS D 96 15.12 -22.18 3.91
C LYS D 96 16.30 -22.49 4.83
N ASN D 97 17.44 -22.77 4.22
CA ASN D 97 18.67 -23.06 4.96
C ASN D 97 19.15 -21.78 5.62
N ARG D 98 19.70 -21.90 6.83
CA ARG D 98 20.15 -20.71 7.54
C ARG D 98 21.05 -21.03 8.70
N GLU D 99 21.63 -19.98 9.27
CA GLU D 99 22.50 -20.09 10.41
C GLU D 99 21.65 -20.26 11.65
N GLN D 100 22.11 -21.10 12.57
CA GLN D 100 21.46 -21.35 13.85
C GLN D 100 21.31 -20.00 14.55
N ALA D 101 20.13 -19.72 15.08
CA ALA D 101 19.93 -18.44 15.76
C ALA D 101 20.49 -18.41 17.19
N TYR D 102 20.93 -17.24 17.60
CA TYR D 102 21.46 -17.10 18.96
C TYR D 102 21.35 -15.65 19.35
N ARG D 103 21.44 -15.39 20.66
CA ARG D 103 21.43 -14.03 21.19
C ARG D 103 22.57 -13.98 22.21
N ILE D 104 23.01 -12.78 22.53
CA ILE D 104 24.11 -12.60 23.46
C ILE D 104 23.61 -12.47 24.88
N ASN D 105 24.18 -13.26 25.79
CA ASN D 105 23.81 -13.23 27.21
C ASN D 105 24.14 -11.84 27.74
N LYS D 106 23.16 -11.19 28.36
CA LYS D 106 23.31 -9.83 28.89
C LYS D 106 24.44 -9.65 29.87
N LYS D 107 24.79 -10.72 30.60
CA LYS D 107 25.85 -10.68 31.60
C LYS D 107 27.23 -11.12 31.10
N SER D 108 27.31 -12.42 30.79
CA SER D 108 28.55 -13.04 30.33
C SER D 108 29.11 -12.49 29.03
N GLY D 109 28.22 -12.04 28.14
CA GLY D 109 28.70 -11.57 26.86
C GLY D 109 28.94 -12.78 25.98
N LEU D 110 28.37 -13.92 26.41
CA LEU D 110 28.47 -15.20 25.70
C LEU D 110 27.19 -15.51 24.89
N ASN D 111 27.31 -16.40 23.91
CA ASN D 111 26.20 -16.75 23.03
C ASN D 111 25.29 -17.87 23.51
N GLU D 112 23.99 -17.67 23.38
CA GLU D 112 23.02 -18.71 23.72
C GLU D 112 22.17 -18.97 22.48
N GLU D 113 22.16 -20.19 22.01
CA GLU D 113 21.37 -20.54 20.85
C GLU D 113 19.90 -20.48 21.25
N ILE D 114 19.07 -20.08 20.29
CA ILE D 114 17.63 -20.02 20.47
C ILE D 114 17.00 -20.57 19.21
N ASN D 115 15.70 -20.81 19.28
CA ASN D 115 14.99 -21.38 18.16
C ASN D 115 14.89 -20.50 16.93
N ASN D 116 15.13 -21.07 15.76
CA ASN D 116 14.95 -20.33 14.54
C ASN D 116 13.45 -20.43 14.23
N THR D 117 12.93 -19.49 13.48
CA THR D 117 11.52 -19.48 13.16
C THR D 117 11.30 -18.93 11.76
N ASP D 118 10.19 -19.35 11.19
CA ASP D 118 9.71 -18.89 9.89
C ASP D 118 8.30 -18.44 10.20
N LEU D 119 7.93 -17.27 9.70
CA LEU D 119 6.58 -16.77 9.87
C LEU D 119 5.95 -16.71 8.48
N ILE D 120 4.98 -17.57 8.26
CA ILE D 120 4.26 -17.62 7.00
C ILE D 120 3.02 -16.79 7.22
N SER D 121 2.87 -15.74 6.40
CA SER D 121 1.72 -14.88 6.52
C SER D 121 0.95 -14.82 5.20
N GLU D 122 -0.34 -15.10 5.31
CA GLU D 122 -1.20 -15.09 4.14
C GLU D 122 -2.37 -14.12 4.32
N LYS D 123 -2.99 -13.78 3.20
CA LYS D 123 -4.16 -12.94 3.21
C LYS D 123 -5.07 -13.60 2.18
N TYR D 124 -6.35 -13.73 2.51
CA TYR D 124 -7.34 -14.32 1.60
C TYR D 124 -8.60 -13.49 1.61
N TYR D 125 -9.28 -13.48 0.47
CA TYR D 125 -10.58 -12.81 0.38
C TYR D 125 -11.56 -13.94 0.70
N VAL D 126 -12.64 -13.62 1.40
CA VAL D 126 -13.62 -14.64 1.77
C VAL D 126 -15.07 -14.28 1.47
N LEU D 127 -15.93 -15.29 1.36
CA LEU D 127 -17.36 -15.12 1.04
C LEU D 127 -18.29 -15.77 2.06
N LYS D 128 -19.39 -15.10 2.41
CA LYS D 128 -20.36 -15.71 3.33
C LYS D 128 -20.92 -16.80 2.43
N LYS D 129 -20.98 -18.03 2.92
CA LYS D 129 -21.45 -19.15 2.12
C LYS D 129 -22.74 -18.92 1.34
N GLY D 130 -22.68 -19.25 0.06
CA GLY D 130 -23.81 -19.11 -0.84
C GLY D 130 -23.43 -19.81 -2.12
N GLU D 131 -24.33 -20.64 -2.67
CA GLU D 131 -24.06 -21.40 -3.90
C GLU D 131 -23.53 -20.58 -5.06
N LYS D 132 -23.33 -21.23 -6.19
CA LYS D 132 -22.89 -20.44 -7.25
C LYS D 132 -23.58 -20.69 -8.58
N PRO D 133 -24.01 -19.60 -9.10
CA PRO D 133 -24.48 -18.41 -9.67
C PRO D 133 -25.26 -17.50 -8.68
N TYR D 134 -25.25 -17.76 -7.33
CA TYR D 134 -25.94 -16.91 -6.40
C TYR D 134 -25.36 -15.44 -6.32
N ASP D 135 -24.12 -15.18 -6.74
CA ASP D 135 -23.73 -13.82 -6.52
C ASP D 135 -24.61 -12.84 -7.08
N PRO D 136 -24.86 -12.92 -8.37
CA PRO D 136 -25.73 -12.07 -9.17
C PRO D 136 -26.83 -11.30 -8.49
N PHE D 137 -27.47 -11.96 -7.48
CA PHE D 137 -28.63 -11.28 -6.83
C PHE D 137 -28.15 -10.10 -6.12
N ASP D 138 -26.86 -9.96 -5.85
CA ASP D 138 -26.24 -8.82 -5.10
C ASP D 138 -25.55 -7.95 -6.12
#